data_7OBT
#
_entry.id   7OBT
#
_cell.length_a   82.952
_cell.length_b   111.880
_cell.length_c   62.686
_cell.angle_alpha   90.000
_cell.angle_beta   90.000
_cell.angle_gamma   90.000
#
_symmetry.space_group_name_H-M   'C 2 2 21'
#
loop_
_entity.id
_entity.type
_entity.pdbx_description
1 polymer '14-3-3 protein sigma'
2 polymer 'Receptor-interacting serine/threonine-protein kinase 2'
3 non-polymer FUSICOCCIN
4 non-polymer 'MAGNESIUM ION'
5 non-polymer 'CHLORIDE ION'
6 water water
#
loop_
_entity_poly.entity_id
_entity_poly.type
_entity_poly.pdbx_seq_one_letter_code
_entity_poly.pdbx_strand_id
1 'polypeptide(L)'
;GAMGSMERASLIQKAKLAEQAERYEDMAAFMKGAVEKGEELS(CSO)EERNLLSVAYKNVVGGQRAAWRVLSSIEQKSNE
EGSEEKGPEVREYREKVETELQGVCDTVLGLLDSHLIKEAGDAESRVFYLKMKGDYYRYLAEVATGDDKKRIIDSARSAY
QEAMDISKKEMPPTNPIRLGLALNFSVFHYEIANSPEEAISLAKTTFDEAMADLHTLSEDSYKDSTLIMQLLRDNLTLWT
ADNAGEEGGEAPQEPQS
;
A
2 'polypeptide(L)' PSLNLLQNK(SEP)M B
#
# COMPACT_ATOMS: atom_id res chain seq x y z
N GLY A 1 8.29 -23.07 6.86
CA GLY A 1 7.10 -22.46 6.21
C GLY A 1 6.10 -23.50 5.74
N ALA A 2 4.82 -23.23 5.99
CA ALA A 2 3.79 -24.20 5.66
C ALA A 2 3.71 -24.49 4.17
N MET A 3 4.27 -23.62 3.34
CA MET A 3 4.22 -23.76 1.89
C MET A 3 5.53 -24.27 1.30
N GLY A 4 6.51 -24.61 2.14
CA GLY A 4 7.80 -25.03 1.65
C GLY A 4 7.76 -26.31 0.84
N SER A 5 6.69 -27.09 0.94
CA SER A 5 6.58 -28.34 0.22
C SER A 5 5.73 -28.25 -1.03
N MET A 6 5.20 -27.08 -1.37
CA MET A 6 4.41 -26.90 -2.58
C MET A 6 5.24 -26.22 -3.66
N GLU A 7 5.05 -26.65 -4.91
CA GLU A 7 5.78 -26.09 -6.03
C GLU A 7 5.46 -24.60 -6.19
N ARG A 8 6.48 -23.84 -6.59
CA ARG A 8 6.28 -22.41 -6.83
C ARG A 8 5.13 -22.16 -7.79
N ALA A 9 5.13 -22.87 -8.92
CA ALA A 9 4.09 -22.68 -9.91
C ALA A 9 2.72 -23.04 -9.34
N SER A 10 2.66 -24.09 -8.52
CA SER A 10 1.40 -24.45 -7.89
C SER A 10 0.93 -23.35 -6.94
N LEU A 11 1.85 -22.73 -6.21
CA LEU A 11 1.50 -21.61 -5.35
C LEU A 11 0.94 -20.45 -6.16
N ILE A 12 1.55 -20.14 -7.30
CA ILE A 12 1.05 -19.05 -8.14
C ILE A 12 -0.36 -19.37 -8.65
N GLN A 13 -0.54 -20.60 -9.16
CA GLN A 13 -1.85 -21.03 -9.64
C GLN A 13 -2.90 -20.91 -8.55
N LYS A 14 -2.58 -21.37 -7.34
CA LYS A 14 -3.55 -21.33 -6.26
C LYS A 14 -3.78 -19.91 -5.78
N ALA A 15 -2.79 -19.03 -5.91
CA ALA A 15 -3.03 -17.61 -5.60
C ALA A 15 -4.04 -17.01 -6.57
N LYS A 16 -3.92 -17.36 -7.86
CA LYS A 16 -4.92 -16.87 -8.82
C LYS A 16 -6.30 -17.44 -8.50
N LEU A 17 -6.37 -18.73 -8.17
CA LEU A 17 -7.64 -19.32 -7.78
C LEU A 17 -8.24 -18.61 -6.57
N ALA A 18 -7.42 -18.31 -5.57
CA ALA A 18 -7.89 -17.61 -4.38
C ALA A 18 -8.37 -16.20 -4.71
N GLU A 19 -7.66 -15.53 -5.62
CA GLU A 19 -8.11 -14.22 -6.08
C GLU A 19 -9.50 -14.32 -6.68
N GLN A 20 -9.73 -15.34 -7.52
CA GLN A 20 -11.05 -15.50 -8.14
C GLN A 20 -12.12 -15.73 -7.08
N ALA A 21 -11.80 -16.48 -6.03
CA ALA A 21 -12.74 -16.77 -4.96
C ALA A 21 -12.75 -15.69 -3.89
N GLU A 22 -11.98 -14.62 -4.06
CA GLU A 22 -11.90 -13.55 -3.07
C GLU A 22 -11.52 -14.09 -1.69
N ARG A 23 -10.66 -15.11 -1.68
CA ARG A 23 -10.08 -15.65 -0.45
C ARG A 23 -8.69 -15.05 -0.30
N TYR A 24 -8.63 -13.80 0.17
CA TYR A 24 -7.40 -13.03 0.10
C TYR A 24 -6.37 -13.46 1.13
N GLU A 25 -6.81 -14.01 2.27
CA GLU A 25 -5.86 -14.55 3.24
C GLU A 25 -5.10 -15.73 2.66
N ASP A 26 -5.81 -16.66 2.01
CA ASP A 26 -5.15 -17.75 1.31
C ASP A 26 -4.22 -17.22 0.21
N MET A 27 -4.71 -16.23 -0.55
CA MET A 27 -3.88 -15.62 -1.59
C MET A 27 -2.58 -15.10 -1.01
N ALA A 28 -2.65 -14.43 0.14
CA ALA A 28 -1.46 -13.88 0.78
C ALA A 28 -0.52 -15.00 1.20
N ALA A 29 -1.05 -16.06 1.82
CA ALA A 29 -0.21 -17.17 2.24
C ALA A 29 0.50 -17.81 1.04
N PHE A 30 -0.23 -18.01 -0.06
CA PHE A 30 0.36 -18.61 -1.25
C PHE A 30 1.47 -17.73 -1.82
N MET A 31 1.22 -16.43 -1.95
CA MET A 31 2.24 -15.55 -2.51
C MET A 31 3.43 -15.41 -1.56
N LYS A 32 3.21 -15.49 -0.25
CA LYS A 32 4.31 -15.52 0.70
C LYS A 32 5.19 -16.74 0.48
N GLY A 33 4.58 -17.92 0.32
CA GLY A 33 5.37 -19.10 0.01
C GLY A 33 6.14 -18.95 -1.29
N ALA A 34 5.47 -18.44 -2.32
CA ALA A 34 6.13 -18.21 -3.60
C ALA A 34 7.35 -17.32 -3.43
N VAL A 35 7.20 -16.20 -2.72
CA VAL A 35 8.33 -15.30 -2.48
C VAL A 35 9.44 -16.04 -1.77
N GLU A 36 9.10 -16.81 -0.73
CA GLU A 36 10.11 -17.51 0.05
C GLU A 36 10.79 -18.62 -0.72
N LYS A 37 10.29 -18.98 -1.91
CA LYS A 37 11.04 -19.88 -2.77
C LYS A 37 12.40 -19.30 -3.17
N GLY A 38 12.57 -17.98 -3.15
CA GLY A 38 13.85 -17.35 -3.34
C GLY A 38 14.06 -16.72 -4.70
N GLU A 39 13.23 -17.03 -5.69
CA GLU A 39 13.34 -16.44 -7.01
C GLU A 39 12.61 -15.10 -7.07
N GLU A 40 13.14 -14.19 -7.87
CA GLU A 40 12.47 -12.91 -8.08
C GLU A 40 11.09 -13.13 -8.70
N LEU A 41 10.24 -12.13 -8.59
CA LEU A 41 8.87 -12.21 -9.09
C LEU A 41 8.73 -11.48 -10.41
N SER A 42 7.95 -12.06 -11.32
CA SER A 42 7.56 -11.40 -12.55
C SER A 42 6.55 -10.29 -12.28
N GLU A 44 3.52 -9.98 -13.24
CA GLU A 44 2.21 -10.51 -12.89
C GLU A 44 2.17 -11.02 -11.44
N GLU A 45 3.32 -11.55 -10.97
CA GLU A 45 3.40 -12.11 -9.63
C GLU A 45 3.45 -11.03 -8.56
N ARG A 46 4.22 -9.97 -8.79
CA ARG A 46 4.21 -8.83 -7.87
C ARG A 46 2.78 -8.30 -7.69
N ASN A 47 2.02 -8.24 -8.78
CA ASN A 47 0.64 -7.77 -8.68
C ASN A 47 -0.18 -8.65 -7.76
N LEU A 48 -0.04 -9.97 -7.89
CA LEU A 48 -0.78 -10.89 -7.02
C LEU A 48 -0.42 -10.65 -5.56
N LEU A 49 0.88 -10.55 -5.26
CA LEU A 49 1.32 -10.29 -3.90
C LEU A 49 0.68 -9.03 -3.33
N SER A 50 0.83 -7.93 -4.07
CA SER A 50 0.34 -6.64 -3.59
C SER A 50 -1.17 -6.68 -3.39
N VAL A 51 -1.91 -7.26 -4.34
CA VAL A 51 -3.36 -7.31 -4.24
C VAL A 51 -3.79 -8.09 -3.00
N ALA A 52 -3.17 -9.26 -2.79
CA ALA A 52 -3.58 -10.09 -1.66
C ALA A 52 -3.39 -9.34 -0.35
N TYR A 53 -2.17 -8.83 -0.10
CA TYR A 53 -1.94 -8.18 1.20
C TYR A 53 -2.72 -6.87 1.32
N LYS A 54 -2.90 -6.16 0.21
CA LYS A 54 -3.70 -4.94 0.24
C LYS A 54 -5.12 -5.22 0.70
N ASN A 55 -5.74 -6.28 0.19
CA ASN A 55 -7.12 -6.57 0.59
C ASN A 55 -7.19 -7.05 2.04
N VAL A 56 -6.28 -7.94 2.45
CA VAL A 56 -6.27 -8.39 3.85
C VAL A 56 -6.16 -7.19 4.79
N VAL A 57 -5.11 -6.39 4.60
CA VAL A 57 -4.89 -5.27 5.51
C VAL A 57 -5.94 -4.19 5.34
N GLY A 58 -6.63 -4.12 4.20
CA GLY A 58 -7.71 -3.16 4.07
C GLY A 58 -8.90 -3.53 4.93
N GLY A 59 -9.28 -4.81 4.93
CA GLY A 59 -10.28 -5.26 5.88
C GLY A 59 -9.87 -4.98 7.31
N GLN A 60 -8.61 -5.24 7.64
CA GLN A 60 -8.14 -4.99 9.00
C GLN A 60 -8.24 -3.50 9.36
N ARG A 61 -7.86 -2.63 8.43
CA ARG A 61 -7.90 -1.19 8.69
C ARG A 61 -9.33 -0.71 8.88
N ALA A 62 -10.26 -1.16 8.03
CA ALA A 62 -11.65 -0.75 8.20
C ALA A 62 -12.20 -1.17 9.56
N ALA A 63 -11.90 -2.41 9.97
CA ALA A 63 -12.34 -2.84 11.29
C ALA A 63 -11.71 -1.99 12.39
N TRP A 64 -10.40 -1.71 12.27
CA TRP A 64 -9.73 -0.89 13.26
C TRP A 64 -10.37 0.48 13.38
N ARG A 65 -10.80 1.05 12.26
CA ARG A 65 -11.39 2.39 12.30
C ARG A 65 -12.78 2.35 12.93
N VAL A 66 -13.57 1.34 12.61
CA VAL A 66 -14.85 1.17 13.32
C VAL A 66 -14.62 1.15 14.82
N LEU A 67 -13.69 0.28 15.27
CA LEU A 67 -13.48 0.10 16.69
C LEU A 67 -12.89 1.36 17.34
N SER A 68 -12.01 2.06 16.62
CA SER A 68 -11.40 3.27 17.17
C SER A 68 -12.42 4.37 17.33
N SER A 69 -13.34 4.50 16.37
CA SER A 69 -14.42 5.47 16.53
C SER A 69 -15.29 5.14 17.73
N ILE A 70 -15.64 3.86 17.89
CA ILE A 70 -16.41 3.48 19.08
C ILE A 70 -15.64 3.81 20.35
N GLU A 71 -14.34 3.54 20.37
CA GLU A 71 -13.51 3.83 21.53
C GLU A 71 -13.52 5.32 21.84
N GLN A 72 -13.33 6.15 20.81
CA GLN A 72 -13.34 7.59 21.02
C GLN A 72 -14.67 8.05 21.58
N LYS A 73 -15.78 7.58 21.00
CA LYS A 73 -17.09 7.92 21.55
C LYS A 73 -17.18 7.53 23.03
N SER A 74 -16.67 6.36 23.39
CA SER A 74 -16.76 5.87 24.76
C SER A 74 -15.93 6.70 25.75
N ASN A 75 -15.06 7.59 25.27
CA ASN A 75 -14.24 8.44 26.12
C ASN A 75 -14.64 9.91 26.03
N GLU A 76 -15.85 10.19 25.57
CA GLU A 76 -16.33 11.57 25.47
C GLU A 76 -16.95 11.99 26.81
N GLU A 77 -17.59 13.16 26.83
CA GLU A 77 -18.21 13.69 28.03
C GLU A 77 -19.62 13.12 28.18
N GLY A 78 -19.90 12.54 29.35
CA GLY A 78 -21.19 11.94 29.62
C GLY A 78 -21.36 10.53 29.10
N SER A 79 -20.28 9.86 28.71
CA SER A 79 -20.34 8.50 28.20
C SER A 79 -20.20 7.53 29.37
N GLU A 80 -21.05 6.50 29.38
CA GLU A 80 -21.08 5.56 30.49
C GLU A 80 -19.95 4.55 30.34
N GLU A 81 -19.24 4.30 31.44
CA GLU A 81 -18.14 3.33 31.45
C GLU A 81 -18.60 1.98 30.93
N GLY A 83 -16.28 -0.54 30.48
CA GLY A 83 -15.23 -1.49 30.80
C GLY A 83 -14.07 -1.44 29.82
N PRO A 84 -13.16 -2.40 29.93
CA PRO A 84 -11.98 -2.43 29.05
C PRO A 84 -12.19 -3.15 27.72
N GLU A 85 -13.39 -3.69 27.48
CA GLU A 85 -13.59 -4.57 26.33
C GLU A 85 -13.28 -3.86 25.03
N VAL A 86 -13.76 -2.63 24.86
CA VAL A 86 -13.54 -1.91 23.61
C VAL A 86 -12.04 -1.75 23.35
N ARG A 87 -11.32 -1.25 24.35
CA ARG A 87 -9.87 -1.10 24.22
C ARG A 87 -9.23 -2.43 23.89
N GLU A 88 -9.62 -3.50 24.58
CA GLU A 88 -8.99 -4.80 24.37
C GLU A 88 -9.17 -5.27 22.94
N TYR A 89 -10.40 -5.19 22.43
CA TYR A 89 -10.66 -5.73 21.09
C TYR A 89 -10.05 -4.85 20.01
N ARG A 90 -10.04 -3.51 20.21
CA ARG A 90 -9.32 -2.65 19.29
C ARG A 90 -7.83 -3.00 19.28
N GLU A 91 -7.27 -3.29 20.46
CA GLU A 91 -5.87 -3.71 20.53
C GLU A 91 -5.64 -5.04 19.83
N LYS A 92 -6.61 -5.96 19.92
CA LYS A 92 -6.48 -7.24 19.23
C LYS A 92 -6.41 -7.04 17.73
N VAL A 93 -7.38 -6.30 17.18
CA VAL A 93 -7.38 -6.03 15.75
C VAL A 93 -6.09 -5.31 15.35
N GLU A 94 -5.65 -4.35 16.19
CA GLU A 94 -4.46 -3.57 15.88
C GLU A 94 -3.22 -4.44 15.87
N THR A 95 -3.10 -5.38 16.81
CA THR A 95 -1.94 -6.25 16.88
C THR A 95 -1.90 -7.19 15.69
N GLU A 96 -3.05 -7.73 15.30
CA GLU A 96 -3.09 -8.57 14.10
C GLU A 96 -2.71 -7.77 12.85
N LEU A 97 -3.23 -6.54 12.74
CA LEU A 97 -2.87 -5.68 11.63
C LEU A 97 -1.36 -5.44 11.57
N GLN A 98 -0.77 -5.09 12.71
CA GLN A 98 0.67 -4.86 12.77
C GLN A 98 1.44 -6.11 12.41
N GLY A 99 0.92 -7.29 12.78
CA GLY A 99 1.58 -8.53 12.38
C GLY A 99 1.61 -8.70 10.87
N VAL A 100 0.49 -8.43 10.21
CA VAL A 100 0.46 -8.54 8.75
C VAL A 100 1.44 -7.54 8.12
N CYS A 101 1.44 -6.30 8.62
CA CYS A 101 2.35 -5.30 8.07
C CYS A 101 3.80 -5.72 8.24
N ASP A 102 4.15 -6.23 9.43
CA ASP A 102 5.51 -6.71 9.67
C ASP A 102 5.85 -7.86 8.73
N THR A 103 4.89 -8.75 8.46
CA THR A 103 5.16 -9.86 7.56
C THR A 103 5.50 -9.34 6.16
N VAL A 104 4.71 -8.40 5.65
CA VAL A 104 4.98 -7.88 4.31
C VAL A 104 6.33 -7.17 4.27
N LEU A 105 6.64 -6.37 5.30
CA LEU A 105 7.92 -5.67 5.32
C LEU A 105 9.08 -6.65 5.42
N GLY A 106 8.90 -7.74 6.15
CA GLY A 106 9.92 -8.77 6.20
C GLY A 106 10.16 -9.40 4.84
N LEU A 107 9.08 -9.62 4.09
CA LEU A 107 9.25 -10.13 2.72
C LEU A 107 10.04 -9.13 1.87
N LEU A 108 9.65 -7.85 1.92
CA LEU A 108 10.34 -6.86 1.12
C LEU A 108 11.83 -6.79 1.48
N ASP A 109 12.13 -6.90 2.77
CA ASP A 109 13.52 -6.82 3.24
C ASP A 109 14.27 -8.13 3.09
N SER A 110 13.58 -9.25 2.81
CA SER A 110 14.19 -10.58 2.73
C SER A 110 13.51 -11.39 1.63
N HIS A 111 13.92 -11.19 0.38
CA HIS A 111 15.01 -10.30 -0.03
C HIS A 111 14.62 -9.60 -1.33
N LEU A 112 13.35 -9.17 -1.42
CA LEU A 112 12.82 -8.70 -2.69
C LEU A 112 13.50 -7.42 -3.16
N ILE A 113 13.77 -6.48 -2.25
CA ILE A 113 14.22 -5.16 -2.67
C ILE A 113 15.68 -5.19 -3.13
N LYS A 114 16.54 -5.93 -2.41
CA LYS A 114 17.96 -5.89 -2.78
C LYS A 114 18.22 -6.61 -4.10
N GLU A 115 17.37 -7.57 -4.47
CA GLU A 115 17.49 -8.24 -5.76
C GLU A 115 16.74 -7.52 -6.88
N ALA A 116 15.91 -6.52 -6.54
CA ALA A 116 15.15 -5.77 -7.53
C ALA A 116 16.06 -4.74 -8.17
N GLY A 117 16.41 -4.97 -9.45
CA GLY A 117 17.33 -4.10 -10.15
C GLY A 117 16.69 -3.26 -11.23
N ASP A 118 15.59 -3.74 -11.80
CA ASP A 118 14.88 -2.98 -12.81
C ASP A 118 13.97 -1.95 -12.15
N ALA A 119 13.73 -0.85 -12.88
CA ALA A 119 12.96 0.25 -12.31
C ALA A 119 11.57 -0.19 -11.89
N GLU A 120 10.87 -0.90 -12.78
CA GLU A 120 9.51 -1.36 -12.48
C GLU A 120 9.44 -2.04 -11.12
N SER A 121 10.25 -3.08 -10.92
CA SER A 121 10.16 -3.87 -9.70
C SER A 121 10.67 -3.11 -8.48
N ARG A 122 11.79 -2.40 -8.63
CA ARG A 122 12.33 -1.66 -7.49
CA ARG A 122 12.34 -1.65 -7.50
C ARG A 122 11.33 -0.63 -6.99
N VAL A 123 10.73 0.14 -7.91
CA VAL A 123 9.75 1.14 -7.54
C VAL A 123 8.52 0.46 -6.93
N PHE A 124 8.08 -0.65 -7.52
CA PHE A 124 6.96 -1.40 -6.96
C PHE A 124 7.20 -1.73 -5.48
N TYR A 125 8.35 -2.33 -5.20
CA TYR A 125 8.63 -2.80 -3.84
C TYR A 125 8.80 -1.64 -2.88
N LEU A 126 9.44 -0.56 -3.31
CA LEU A 126 9.62 0.58 -2.41
C LEU A 126 8.28 1.27 -2.13
N LYS A 127 7.41 1.37 -3.13
CA LYS A 127 6.07 1.86 -2.88
C LYS A 127 5.35 0.99 -1.85
N MET A 128 5.49 -0.33 -1.97
CA MET A 128 4.79 -1.21 -1.03
C MET A 128 5.34 -1.05 0.39
N LYS A 129 6.67 -0.95 0.52
CA LYS A 129 7.28 -0.64 1.80
C LYS A 129 6.68 0.63 2.40
N GLY A 130 6.58 1.69 1.58
CA GLY A 130 5.98 2.91 2.06
C GLY A 130 4.53 2.73 2.48
N ASP A 131 3.76 1.99 1.67
CA ASP A 131 2.35 1.76 2.00
C ASP A 131 2.20 1.10 3.36
N TYR A 132 3.00 0.06 3.63
CA TYR A 132 2.79 -0.68 4.87
C TYR A 132 3.37 0.03 6.09
N TYR A 133 4.45 0.81 5.92
CA TYR A 133 4.83 1.69 7.01
C TYR A 133 3.76 2.76 7.25
N ARG A 134 3.07 3.20 6.20
CA ARG A 134 1.97 4.15 6.39
C ARG A 134 0.81 3.50 7.15
N TYR A 135 0.49 2.26 6.82
CA TYR A 135 -0.54 1.55 7.58
C TYR A 135 -0.15 1.42 9.05
N LEU A 136 1.14 1.15 9.32
CA LEU A 136 1.60 1.14 10.70
C LEU A 136 1.48 2.52 11.33
N ALA A 137 1.75 3.57 10.56
CA ALA A 137 1.64 4.93 11.09
C ALA A 137 0.21 5.28 11.45
N GLU A 138 -0.76 4.76 10.69
CA GLU A 138 -2.16 5.09 10.93
C GLU A 138 -2.59 4.76 12.35
N VAL A 139 -1.96 3.76 12.98
CA VAL A 139 -2.36 3.28 14.30
C VAL A 139 -1.31 3.53 15.36
N ALA A 140 -0.20 4.18 15.03
CA ALA A 140 0.87 4.39 15.99
C ALA A 140 0.53 5.54 16.93
N THR A 141 0.89 5.37 18.21
CA THR A 141 0.59 6.38 19.22
C THR A 141 1.73 6.62 20.22
N GLY A 142 2.85 5.90 20.11
CA GLY A 142 3.87 5.96 21.14
C GLY A 142 5.20 6.51 20.67
N ASP A 143 6.28 6.02 21.27
CA ASP A 143 7.62 6.55 21.04
C ASP A 143 8.18 6.21 19.66
N ASP A 144 7.49 5.39 18.88
CA ASP A 144 7.96 4.98 17.57
C ASP A 144 7.22 5.68 16.43
N LYS A 145 6.21 6.50 16.73
CA LYS A 145 5.41 7.11 15.67
C LYS A 145 6.30 7.86 14.68
N LYS A 146 7.18 8.73 15.19
CA LYS A 146 7.99 9.55 14.30
C LYS A 146 8.88 8.69 13.41
N ARG A 147 9.49 7.64 13.98
CA ARG A 147 10.39 6.81 13.19
C ARG A 147 9.63 6.00 12.14
N ILE A 148 8.41 5.55 12.47
CA ILE A 148 7.58 4.86 11.49
C ILE A 148 7.22 5.80 10.34
N ILE A 149 6.78 7.01 10.69
CA ILE A 149 6.45 8.01 9.67
C ILE A 149 7.65 8.28 8.78
N ASP A 150 8.84 8.41 9.38
CA ASP A 150 10.02 8.72 8.58
C ASP A 150 10.43 7.53 7.70
N SER A 151 10.24 6.30 8.18
CA SER A 151 10.51 5.14 7.33
C SER A 151 9.59 5.14 6.11
N ALA A 152 8.31 5.42 6.32
CA ALA A 152 7.39 5.55 5.19
C ALA A 152 7.86 6.62 4.22
N ARG A 153 8.18 7.80 4.75
CA ARG A 153 8.63 8.90 3.90
C ARG A 153 9.87 8.49 3.10
N SER A 154 10.85 7.87 3.75
CA SER A 154 12.09 7.52 3.08
C SER A 154 11.85 6.53 1.95
N ALA A 155 11.06 5.48 2.21
CA ALA A 155 10.75 4.52 1.16
C ALA A 155 10.05 5.20 -0.01
N TYR A 156 8.99 5.97 0.28
CA TYR A 156 8.27 6.68 -0.77
C TYR A 156 9.21 7.58 -1.58
N GLN A 157 10.11 8.29 -0.90
CA GLN A 157 10.96 9.26 -1.58
C GLN A 157 11.97 8.57 -2.50
N GLU A 158 12.56 7.47 -2.03
CA GLU A 158 13.46 6.72 -2.90
C GLU A 158 12.72 6.20 -4.12
N ALA A 159 11.48 5.72 -3.92
CA ALA A 159 10.70 5.25 -5.07
C ALA A 159 10.40 6.40 -6.03
N MET A 160 10.08 7.58 -5.49
CA MET A 160 9.80 8.74 -6.32
C MET A 160 11.00 9.12 -7.17
N ASP A 161 12.19 9.15 -6.56
CA ASP A 161 13.39 9.55 -7.29
C ASP A 161 13.67 8.60 -8.46
N ILE A 162 13.44 7.30 -8.25
CA ILE A 162 13.68 6.34 -9.32
C ILE A 162 12.61 6.45 -10.40
N SER A 163 11.35 6.65 -10.00
CA SER A 163 10.29 6.69 -11.00
C SER A 163 10.40 7.95 -11.86
N LYS A 164 10.77 9.08 -11.26
CA LYS A 164 10.91 10.30 -12.05
C LYS A 164 12.01 10.17 -13.10
N LYS A 165 13.02 9.37 -12.80
CA LYS A 165 14.22 9.31 -13.62
C LYS A 165 14.20 8.15 -14.61
N GLU A 166 13.44 7.10 -14.33
CA GLU A 166 13.46 5.89 -15.12
C GLU A 166 12.11 5.53 -15.74
N MET A 167 11.06 6.29 -15.45
CA MET A 167 9.71 5.93 -15.89
C MET A 167 9.03 7.14 -16.51
N PRO A 168 8.14 6.90 -17.47
CA PRO A 168 7.39 8.01 -18.07
C PRO A 168 6.29 8.49 -17.15
N PRO A 169 5.79 9.72 -17.34
CA PRO A 169 4.82 10.27 -16.39
C PRO A 169 3.54 9.46 -16.25
N THR A 170 3.16 8.70 -17.28
CA THR A 170 1.91 7.97 -17.28
C THR A 170 2.07 6.51 -16.86
N ASN A 171 3.25 6.12 -16.40
CA ASN A 171 3.44 4.75 -15.93
CA ASN A 171 3.44 4.75 -15.93
C ASN A 171 2.51 4.47 -14.75
N PRO A 172 1.71 3.40 -14.80
CA PRO A 172 0.75 3.19 -13.69
C PRO A 172 1.42 3.10 -12.33
N ILE A 173 2.62 2.51 -12.25
CA ILE A 173 3.29 2.37 -10.97
C ILE A 173 3.69 3.74 -10.43
N ARG A 174 4.27 4.58 -11.29
CA ARG A 174 4.64 5.93 -10.87
C ARG A 174 3.42 6.71 -10.41
N LEU A 175 2.30 6.58 -11.13
CA LEU A 175 1.10 7.32 -10.75
C LEU A 175 0.54 6.83 -9.43
N GLY A 176 0.50 5.51 -9.21
CA GLY A 176 0.02 5.00 -7.94
C GLY A 176 0.92 5.39 -6.79
N LEU A 177 2.24 5.33 -7.00
CA LEU A 177 3.18 5.83 -6.00
C LEU A 177 2.88 7.27 -5.65
N ALA A 178 2.68 8.12 -6.66
CA ALA A 178 2.43 9.54 -6.40
C ALA A 178 1.12 9.73 -5.63
N LEU A 179 0.07 9.00 -6.03
CA LEU A 179 -1.20 9.08 -5.31
C LEU A 179 -1.00 8.74 -3.84
N ASN A 180 -0.31 7.63 -3.55
CA ASN A 180 -0.19 7.20 -2.16
C ASN A 180 0.75 8.09 -1.37
N PHE A 181 1.79 8.65 -2.00
CA PHE A 181 2.67 9.59 -1.31
C PHE A 181 1.93 10.88 -1.01
N SER A 182 1.06 11.32 -1.91
CA SER A 182 0.21 12.48 -1.64
C SER A 182 -0.72 12.20 -0.46
N VAL A 183 -1.30 11.01 -0.40
CA VAL A 183 -2.16 10.67 0.72
C VAL A 183 -1.35 10.60 2.01
N PHE A 184 -0.11 10.13 1.94
CA PHE A 184 0.79 10.18 3.09
C PHE A 184 0.93 11.61 3.58
N HIS A 185 1.29 12.53 2.68
CA HIS A 185 1.45 13.92 3.07
C HIS A 185 0.17 14.48 3.69
N TYR A 186 -0.98 14.19 3.09
CA TYR A 186 -2.21 14.81 3.55
C TYR A 186 -2.65 14.25 4.91
N GLU A 187 -2.61 12.93 5.07
CA GLU A 187 -3.24 12.27 6.21
C GLU A 187 -2.28 11.85 7.31
N ILE A 188 -1.00 11.69 7.01
CA ILE A 188 -0.01 11.22 7.97
C ILE A 188 0.95 12.31 8.39
N ALA A 189 1.51 13.02 7.41
CA ALA A 189 2.56 14.00 7.66
C ALA A 189 2.03 15.40 7.98
N ASN A 190 0.71 15.57 8.03
CA ASN A 190 0.11 16.87 8.30
C ASN A 190 0.68 17.93 7.34
N SER A 191 0.75 17.57 6.07
CA SER A 191 1.32 18.43 5.03
C SER A 191 0.37 18.50 3.84
N PRO A 192 -0.83 19.06 4.03
CA PRO A 192 -1.82 19.03 2.95
C PRO A 192 -1.41 19.83 1.72
N GLU A 193 -0.64 20.90 1.89
CA GLU A 193 -0.21 21.67 0.74
C GLU A 193 0.75 20.87 -0.13
N GLU A 194 1.68 20.13 0.49
CA GLU A 194 2.54 19.24 -0.27
C GLU A 194 1.72 18.16 -0.99
N ALA A 195 0.73 17.59 -0.30
CA ALA A 195 -0.11 16.58 -0.93
C ALA A 195 -0.80 17.13 -2.16
N ILE A 196 -1.38 18.33 -2.04
CA ILE A 196 -2.09 18.93 -3.17
C ILE A 196 -1.13 19.24 -4.31
N SER A 197 0.04 19.80 -3.99
CA SER A 197 1.02 20.11 -5.02
C SER A 197 1.45 18.86 -5.77
N LEU A 198 1.75 17.79 -5.04
CA LEU A 198 2.17 16.55 -5.67
C LEU A 198 1.06 15.99 -6.56
N ALA A 199 -0.17 15.95 -6.05
CA ALA A 199 -1.27 15.41 -6.85
C ALA A 199 -1.44 16.22 -8.13
N LYS A 200 -1.42 17.54 -8.03
CA LYS A 200 -1.65 18.38 -9.20
C LYS A 200 -0.54 18.22 -10.23
N THR A 201 0.72 18.26 -9.78
CA THR A 201 1.84 18.12 -10.70
C THR A 201 1.83 16.75 -11.38
N THR A 202 1.60 15.69 -10.61
CA THR A 202 1.49 14.35 -11.18
C THR A 202 0.42 14.32 -12.27
N PHE A 203 -0.78 14.80 -11.94
CA PHE A 203 -1.88 14.76 -12.90
C PHE A 203 -1.54 15.56 -14.16
N ASP A 204 -0.96 16.75 -14.01
CA ASP A 204 -0.67 17.58 -15.17
C ASP A 204 0.36 16.93 -16.08
N GLU A 205 1.44 16.38 -15.50
CA GLU A 205 2.45 15.74 -16.33
C GLU A 205 1.91 14.50 -17.04
N ALA A 206 1.11 13.68 -16.34
CA ALA A 206 0.49 12.54 -16.99
C ALA A 206 -0.42 12.98 -18.13
N MET A 207 -1.23 14.01 -17.89
CA MET A 207 -2.10 14.55 -18.92
C MET A 207 -1.30 14.93 -20.15
N ALA A 208 -0.18 15.62 -19.94
CA ALA A 208 0.63 16.07 -21.07
C ALA A 208 1.32 14.92 -21.79
N ASP A 209 1.54 13.78 -21.12
CA ASP A 209 2.18 12.64 -21.77
C ASP A 209 1.18 11.66 -22.40
N LEU A 210 -0.11 11.80 -22.12
CA LEU A 210 -1.08 10.85 -22.66
C LEU A 210 -0.95 10.62 -24.17
N HIS A 211 -0.58 11.66 -24.92
CA HIS A 211 -0.63 11.57 -26.38
C HIS A 211 0.33 10.52 -26.95
N THR A 212 1.23 9.99 -26.15
CA THR A 212 2.19 8.99 -26.62
C THR A 212 1.67 7.56 -26.48
N LEU A 213 0.52 7.35 -25.85
CA LEU A 213 0.05 6.02 -25.51
C LEU A 213 -0.94 5.50 -26.53
N SER A 214 -0.99 4.17 -26.66
CA SER A 214 -2.06 3.52 -27.39
C SER A 214 -3.27 3.38 -26.48
N GLU A 215 -4.46 3.26 -27.07
CA GLU A 215 -5.71 3.47 -26.31
C GLU A 215 -5.96 2.36 -25.28
N ASP A 216 -6.21 1.12 -25.72
CA ASP A 216 -6.60 0.05 -24.81
C ASP A 216 -5.50 -0.37 -23.84
N SER A 217 -4.35 0.31 -23.84
CA SER A 217 -3.19 -0.15 -23.09
C SER A 217 -2.86 0.74 -21.90
N TYR A 218 -3.83 1.50 -21.38
CA TYR A 218 -3.55 2.31 -20.19
C TYR A 218 -4.77 2.55 -19.32
N LYS A 219 -5.74 1.63 -19.32
CA LYS A 219 -6.94 1.80 -18.51
C LYS A 219 -6.57 2.17 -17.08
N ASP A 220 -5.59 1.47 -16.51
CA ASP A 220 -5.18 1.73 -15.13
C ASP A 220 -4.64 3.15 -14.97
N SER A 221 -3.99 3.70 -15.99
CA SER A 221 -3.38 5.02 -15.83
CA SER A 221 -3.37 5.02 -15.84
C SER A 221 -4.43 6.12 -15.75
N THR A 222 -5.43 6.08 -16.65
CA THR A 222 -6.55 7.03 -16.57
C THR A 222 -7.37 6.81 -15.31
N LEU A 223 -7.52 5.56 -14.87
CA LEU A 223 -8.16 5.26 -13.60
C LEU A 223 -7.47 5.99 -12.45
N ILE A 224 -6.14 5.89 -12.39
CA ILE A 224 -5.38 6.47 -11.29
C ILE A 224 -5.35 8.00 -11.41
N MET A 225 -5.31 8.52 -12.63
CA MET A 225 -5.46 9.97 -12.80
C MET A 225 -6.80 10.45 -12.28
N GLN A 226 -7.85 9.63 -12.46
CA GLN A 226 -9.16 9.99 -11.92
C GLN A 226 -9.15 9.96 -10.39
N LEU A 227 -8.42 9.02 -9.79
CA LEU A 227 -8.32 9.02 -8.34
C LEU A 227 -7.57 10.25 -7.82
N LEU A 228 -6.50 10.65 -8.52
CA LEU A 228 -5.81 11.89 -8.18
C LEU A 228 -6.78 13.07 -8.21
N ARG A 229 -7.64 13.11 -9.22
CA ARG A 229 -8.59 14.22 -9.35
C ARG A 229 -9.64 14.15 -8.25
N ASP A 230 -10.07 12.95 -7.88
CA ASP A 230 -10.99 12.81 -6.75
C ASP A 230 -10.37 13.40 -5.48
N ASN A 231 -9.13 13.02 -5.19
CA ASN A 231 -8.47 13.56 -4.00
C ASN A 231 -8.35 15.07 -4.06
N LEU A 232 -7.98 15.60 -5.23
CA LEU A 232 -7.88 17.05 -5.37
C LEU A 232 -9.23 17.72 -5.11
N THR A 233 -10.31 17.14 -5.64
CA THR A 233 -11.63 17.72 -5.44
C THR A 233 -12.03 17.68 -3.97
N LEU A 234 -11.65 16.61 -3.27
CA LEU A 234 -11.99 16.50 -1.85
C LEU A 234 -11.18 17.49 -1.00
N TRP A 235 -9.92 17.74 -1.37
CA TRP A 235 -9.03 18.53 -0.54
C TRP A 235 -9.07 20.02 -0.81
N THR A 236 -9.74 20.46 -1.88
CA THR A 236 -9.75 21.86 -2.24
C THR A 236 -11.15 22.37 -2.59
N GLN B 7 -12.92 9.92 2.70
CA GLN B 7 -12.29 8.77 2.05
C GLN B 7 -11.19 9.20 1.08
N ASN B 8 -9.94 9.12 1.51
CA ASN B 8 -8.82 9.42 0.62
C ASN B 8 -8.59 8.25 -0.31
N LYS B 9 -8.45 8.53 -1.60
CA LYS B 9 -8.23 7.50 -2.59
C LYS B 9 -6.77 7.06 -2.60
N MET B 11 -4.25 3.42 -3.98
CA MET B 11 -4.28 2.29 -4.91
C MET B 11 -3.14 1.32 -4.63
#